data_6NIM
#
_entry.id   6NIM
#
_cell.length_a   68.999
_cell.length_b   65.784
_cell.length_c   60.107
_cell.angle_alpha   90.000
_cell.angle_beta   110.640
_cell.angle_gamma   90.000
#
_symmetry.space_group_name_H-M   'C 1 2 1'
#
loop_
_entity.id
_entity.type
_entity.pdbx_description
1 polymer 'Bromodomain factor 2 protein'
2 non-polymer 'SULFATE ION'
3 non-polymer 'UNKNOWN ATOM OR ION'
4 non-polymer Bromosporine
5 water water
#
_entity_poly.entity_id   1
_entity_poly.type   'polypeptide(L)'
_entity_poly.pdbx_seq_one_letter_code
;GMGKRGREGTLDKARCLAFVHQLWDKDKLKMFHHPISAAELPDYHKVINYPVDLSTIRQGIESGKYDSDADVQNAVAQMI
ANALEYNAKGTEWHQQALSFRSIYLDVARQCGLSVDDDAAY
;
_entity_poly.pdbx_strand_id   A,B
#
loop_
_chem_comp.id
_chem_comp.type
_chem_comp.name
_chem_comp.formula
BMF non-polymer Bromosporine 'C17 H20 N6 O4 S'
SO4 non-polymer 'SULFATE ION' 'O4 S -2'
UNX non-polymer 'UNKNOWN ATOM OR ION' ?
#
# COMPACT_ATOMS: atom_id res chain seq x y z
N GLY A 9 12.20 7.64 12.39
CA GLY A 9 12.95 7.09 11.23
C GLY A 9 13.98 6.03 11.60
N THR A 10 14.27 5.81 12.89
CA THR A 10 15.20 4.76 13.37
C THR A 10 14.46 3.41 13.29
N LEU A 11 15.15 2.35 12.85
CA LEU A 11 14.60 0.97 12.91
C LEU A 11 14.80 0.45 14.32
N ASP A 12 13.71 0.15 15.00
CA ASP A 12 13.71 -0.43 16.35
C ASP A 12 13.59 -1.94 16.17
N LYS A 13 14.73 -2.64 16.09
CA LYS A 13 14.69 -4.03 15.63
C LYS A 13 13.97 -4.88 16.67
N ALA A 14 14.20 -4.67 17.98
CA ALA A 14 13.59 -5.57 18.99
C ALA A 14 12.07 -5.49 18.83
N ARG A 15 11.53 -4.27 18.77
CA ARG A 15 10.06 -4.07 18.78
C ARG A 15 9.48 -4.52 17.44
N CYS A 16 10.18 -4.27 16.33
CA CYS A 16 9.71 -4.77 15.01
C CYS A 16 9.70 -6.30 15.00
N LEU A 17 10.75 -6.96 15.50
CA LEU A 17 10.79 -8.43 15.54
C LEU A 17 9.67 -8.95 16.44
N ALA A 18 9.41 -8.27 17.58
CA ALA A 18 8.35 -8.69 18.52
C ALA A 18 7.02 -8.64 17.77
N PHE A 19 6.84 -7.57 16.99
CA PHE A 19 5.62 -7.33 16.18
C PHE A 19 5.42 -8.47 15.18
N VAL A 20 6.47 -8.85 14.46
CA VAL A 20 6.43 -9.95 13.46
C VAL A 20 6.10 -11.25 14.21
N HIS A 21 6.70 -11.49 15.35
CA HIS A 21 6.48 -12.74 16.13
C HIS A 21 5.02 -12.82 16.62
N GLN A 22 4.43 -11.70 17.03
CA GLN A 22 3.02 -11.74 17.53
C GLN A 22 2.12 -12.11 16.35
N LEU A 23 2.40 -11.56 15.16
CA LEU A 23 1.60 -11.85 13.93
C LEU A 23 1.79 -13.31 13.55
N TRP A 24 3.03 -13.82 13.62
CA TRP A 24 3.34 -15.23 13.36
C TRP A 24 2.41 -16.14 14.19
N ASP A 25 2.29 -15.89 15.48
CA ASP A 25 1.56 -16.74 16.45
C ASP A 25 0.05 -16.58 16.24
N LYS A 26 -0.38 -15.43 15.74
CA LYS A 26 -1.81 -15.16 15.49
C LYS A 26 -2.23 -15.68 14.12
N ASP A 27 -1.26 -16.07 13.28
CA ASP A 27 -1.51 -16.63 11.92
C ASP A 27 -1.92 -18.11 12.03
N LYS A 28 -3.17 -18.39 12.32
CA LYS A 28 -3.64 -19.79 12.63
C LYS A 28 -3.54 -20.65 11.38
N LEU A 29 -3.84 -20.10 10.20
CA LEU A 29 -3.76 -20.83 8.91
C LEU A 29 -2.30 -20.98 8.45
N LYS A 30 -1.34 -20.30 9.09
CA LYS A 30 0.08 -20.25 8.67
C LYS A 30 0.20 -19.75 7.21
N MET A 31 -0.68 -18.84 6.81
CA MET A 31 -0.77 -18.39 5.41
C MET A 31 0.23 -17.26 5.15
N PHE A 32 0.86 -16.73 6.21
CA PHE A 32 1.82 -15.60 6.13
C PHE A 32 3.24 -16.03 6.57
N HIS A 33 3.44 -17.31 6.91
CA HIS A 33 4.74 -17.73 7.52
C HIS A 33 5.86 -17.69 6.46
N HIS A 34 5.57 -18.07 5.21
CA HIS A 34 6.62 -18.36 4.19
C HIS A 34 6.23 -17.79 2.84
N PRO A 35 7.22 -17.49 1.97
CA PRO A 35 6.95 -17.10 0.59
C PRO A 35 6.06 -18.11 -0.13
N ILE A 36 5.15 -17.61 -0.95
CA ILE A 36 4.24 -18.49 -1.75
C ILE A 36 5.07 -18.99 -2.92
N SER A 37 5.15 -20.30 -3.17
CA SER A 37 5.90 -20.80 -4.34
C SER A 37 4.94 -21.05 -5.50
N ALA A 38 5.40 -20.74 -6.72
CA ALA A 38 4.76 -21.10 -8.00
C ALA A 38 4.48 -22.61 -8.06
N ALA A 39 5.28 -23.42 -7.38
CA ALA A 39 5.11 -24.89 -7.41
C ALA A 39 3.77 -25.29 -6.77
N GLU A 40 3.27 -24.52 -5.80
CA GLU A 40 1.96 -24.77 -5.15
C GLU A 40 0.86 -23.95 -5.87
N LEU A 41 1.09 -22.66 -6.07
CA LEU A 41 0.11 -21.68 -6.63
C LEU A 41 0.71 -21.03 -7.85
N PRO A 42 0.62 -21.68 -9.03
CA PRO A 42 1.32 -21.18 -10.22
C PRO A 42 0.89 -19.79 -10.72
N ASP A 43 -0.33 -19.34 -10.37
CA ASP A 43 -0.83 -18.03 -10.88
C ASP A 43 -0.47 -16.89 -9.92
N TYR A 44 0.04 -17.23 -8.73
CA TYR A 44 0.29 -16.24 -7.64
C TYR A 44 1.09 -15.02 -8.16
N HIS A 45 2.26 -15.25 -8.78
CA HIS A 45 3.14 -14.17 -9.30
C HIS A 45 2.45 -13.38 -10.43
N LYS A 46 1.46 -13.93 -11.11
CA LYS A 46 0.67 -13.21 -12.14
C LYS A 46 -0.22 -12.17 -11.45
N VAL A 47 -0.81 -12.52 -10.31
CA VAL A 47 -1.80 -11.65 -9.58
C VAL A 47 -1.02 -10.64 -8.73
N ILE A 48 0.05 -11.09 -8.09
CA ILE A 48 0.71 -10.34 -6.98
C ILE A 48 2.11 -9.90 -7.43
N ASN A 49 2.31 -8.58 -7.52
CA ASN A 49 3.55 -7.90 -8.02
C ASN A 49 4.59 -7.75 -6.90
N TYR A 50 4.16 -7.74 -5.63
CA TYR A 50 5.00 -7.37 -4.46
C TYR A 50 4.84 -8.43 -3.38
N PRO A 51 5.27 -9.66 -3.63
CA PRO A 51 5.18 -10.73 -2.64
C PRO A 51 6.01 -10.35 -1.41
N VAL A 52 5.49 -10.69 -0.24
CA VAL A 52 6.21 -10.52 1.06
C VAL A 52 5.51 -11.43 2.06
N ASP A 53 6.27 -11.92 3.03
CA ASP A 53 5.76 -12.89 4.04
C ASP A 53 6.52 -12.57 5.35
N LEU A 54 6.06 -13.10 6.49
CA LEU A 54 6.64 -12.79 7.82
C LEU A 54 8.12 -13.25 7.90
N SER A 55 8.49 -14.37 7.27
CA SER A 55 9.89 -14.87 7.31
C SER A 55 10.78 -13.87 6.59
N THR A 56 10.36 -13.40 5.44
CA THR A 56 11.09 -12.43 4.61
C THR A 56 11.20 -11.10 5.39
N ILE A 57 10.10 -10.65 6.01
CA ILE A 57 10.14 -9.39 6.77
C ILE A 57 11.10 -9.53 7.98
N ARG A 58 11.04 -10.65 8.70
CA ARG A 58 11.96 -10.91 9.84
C ARG A 58 13.40 -10.76 9.35
N GLN A 59 13.72 -11.36 8.21
CA GLN A 59 15.11 -11.29 7.65
C GLN A 59 15.47 -9.84 7.31
N GLY A 60 14.53 -9.07 6.78
CA GLY A 60 14.75 -7.68 6.37
C GLY A 60 15.00 -6.77 7.57
N ILE A 61 14.30 -7.03 8.68
CA ILE A 61 14.56 -6.32 9.95
C ILE A 61 15.97 -6.71 10.38
N GLU A 62 16.25 -8.00 10.45
CA GLU A 62 17.52 -8.50 11.03
C GLU A 62 18.70 -7.88 10.27
N SER A 63 18.58 -7.78 8.94
CA SER A 63 19.68 -7.33 8.05
C SER A 63 19.77 -5.80 8.04
N GLY A 64 18.80 -5.10 8.58
CA GLY A 64 18.71 -3.64 8.45
C GLY A 64 18.28 -3.21 7.06
N LYS A 65 17.61 -4.08 6.30
CA LYS A 65 17.06 -3.70 4.97
C LYS A 65 16.04 -2.58 5.19
N TYR A 66 15.15 -2.69 6.17
CA TYR A 66 14.12 -1.64 6.43
C TYR A 66 14.80 -0.43 7.10
N ASP A 67 14.44 0.77 6.65
CA ASP A 67 15.06 2.02 7.18
C ASP A 67 14.36 2.46 8.47
N SER A 68 13.11 2.05 8.70
CA SER A 68 12.27 2.60 9.80
C SER A 68 11.20 1.59 10.24
N ASP A 69 10.64 1.81 11.42
CA ASP A 69 9.46 1.08 11.94
C ASP A 69 8.29 1.20 10.93
N ALA A 70 8.13 2.37 10.32
CA ALA A 70 7.04 2.62 9.34
C ALA A 70 7.15 1.65 8.17
N ASP A 71 8.36 1.46 7.64
CA ASP A 71 8.66 0.56 6.50
C ASP A 71 8.28 -0.88 6.86
N VAL A 72 8.51 -1.29 8.10
CA VAL A 72 8.16 -2.67 8.55
C VAL A 72 6.63 -2.80 8.57
N GLN A 73 5.94 -1.79 9.10
CA GLN A 73 4.46 -1.80 9.15
C GLN A 73 3.89 -1.85 7.73
N ASN A 74 4.48 -1.11 6.80
CA ASN A 74 4.05 -1.05 5.39
C ASN A 74 4.28 -2.41 4.72
N ALA A 75 5.36 -3.12 5.06
CA ALA A 75 5.67 -4.47 4.53
C ALA A 75 4.60 -5.45 5.02
N VAL A 76 4.24 -5.35 6.29
CA VAL A 76 3.15 -6.20 6.84
C VAL A 76 1.83 -5.85 6.14
N ALA A 77 1.56 -4.56 5.95
CA ALA A 77 0.33 -4.13 5.25
C ALA A 77 0.32 -4.73 3.84
N GLN A 78 1.46 -4.74 3.13
CA GLN A 78 1.50 -5.23 1.74
C GLN A 78 1.22 -6.74 1.73
N MET A 79 1.78 -7.45 2.71
CA MET A 79 1.54 -8.90 2.91
C MET A 79 0.04 -9.15 3.05
N ILE A 80 -0.62 -8.36 3.89
CA ILE A 80 -2.08 -8.54 4.15
C ILE A 80 -2.84 -8.20 2.86
N ALA A 81 -2.52 -7.07 2.20
CA ALA A 81 -3.21 -6.65 0.95
C ALA A 81 -3.09 -7.77 -0.09
N ASN A 82 -1.93 -8.40 -0.18
CA ASN A 82 -1.68 -9.48 -1.16
C ASN A 82 -2.74 -10.58 -0.97
N ALA A 83 -2.96 -10.94 0.29
CA ALA A 83 -3.85 -12.06 0.67
C ALA A 83 -5.30 -11.65 0.38
N LEU A 84 -5.65 -10.39 0.65
CA LEU A 84 -7.02 -9.87 0.37
C LEU A 84 -7.27 -9.83 -1.15
N GLU A 85 -6.25 -9.49 -1.94
CA GLU A 85 -6.40 -9.48 -3.43
C GLU A 85 -6.47 -10.91 -3.97
N TYR A 86 -5.58 -11.79 -3.53
CA TYR A 86 -5.39 -13.12 -4.15
C TYR A 86 -6.50 -14.09 -3.73
N ASN A 87 -6.91 -14.07 -2.47
CA ASN A 87 -7.91 -15.03 -1.93
C ASN A 87 -9.30 -14.44 -2.16
N ALA A 88 -10.22 -15.23 -2.72
CA ALA A 88 -11.60 -14.79 -3.01
C ALA A 88 -12.35 -14.51 -1.70
N LYS A 89 -13.17 -13.45 -1.71
CA LYS A 89 -14.05 -13.14 -0.57
C LYS A 89 -14.90 -14.37 -0.33
N GLY A 90 -15.03 -14.74 0.93
CA GLY A 90 -15.78 -15.94 1.35
C GLY A 90 -14.86 -17.03 1.83
N THR A 91 -13.59 -17.04 1.42
CA THR A 91 -12.67 -18.13 1.87
C THR A 91 -12.11 -17.81 3.26
N GLU A 92 -11.65 -18.84 3.95
N GLU A 92 -11.65 -18.84 3.97
CA GLU A 92 -11.09 -18.69 5.32
CA GLU A 92 -11.10 -18.66 5.33
C GLU A 92 -9.79 -17.88 5.24
C GLU A 92 -9.78 -17.86 5.24
N TRP A 93 -9.04 -17.99 4.15
CA TRP A 93 -7.76 -17.24 3.91
C TRP A 93 -8.09 -15.75 3.75
N HIS A 94 -9.08 -15.43 2.93
CA HIS A 94 -9.51 -14.02 2.77
C HIS A 94 -9.99 -13.46 4.11
N GLN A 95 -10.72 -14.27 4.88
CA GLN A 95 -11.30 -13.82 6.16
C GLN A 95 -10.19 -13.59 7.19
N GLN A 96 -9.19 -14.48 7.28
CA GLN A 96 -8.06 -14.23 8.23
C GLN A 96 -7.34 -12.94 7.83
N ALA A 97 -7.20 -12.69 6.53
CA ALA A 97 -6.53 -11.48 6.05
C ALA A 97 -7.37 -10.25 6.41
N LEU A 98 -8.70 -10.33 6.37
CA LEU A 98 -9.58 -9.21 6.83
C LEU A 98 -9.30 -8.92 8.29
N SER A 99 -9.21 -9.98 9.11
CA SER A 99 -8.95 -9.89 10.55
C SER A 99 -7.59 -9.21 10.73
N PHE A 100 -6.58 -9.69 10.01
CA PHE A 100 -5.21 -9.15 10.12
C PHE A 100 -5.20 -7.65 9.74
N ARG A 101 -5.87 -7.29 8.65
CA ARG A 101 -5.93 -5.84 8.28
C ARG A 101 -6.49 -5.05 9.47
N SER A 102 -7.47 -5.58 10.19
CA SER A 102 -8.14 -4.83 11.28
C SER A 102 -7.33 -4.83 12.59
N ILE A 103 -6.38 -5.75 12.80
CA ILE A 103 -5.65 -5.82 14.10
C ILE A 103 -4.14 -5.50 13.96
N TYR A 104 -3.56 -5.42 12.75
CA TYR A 104 -2.07 -5.42 12.66
C TYR A 104 -1.55 -4.17 13.37
N LEU A 105 -2.23 -3.01 13.22
CA LEU A 105 -1.73 -1.79 13.88
C LEU A 105 -1.96 -1.90 15.40
N ASP A 106 -3.02 -2.55 15.81
CA ASP A 106 -3.29 -2.81 17.25
C ASP A 106 -2.13 -3.64 17.85
N VAL A 107 -1.71 -4.66 17.12
CA VAL A 107 -0.54 -5.52 17.50
C VAL A 107 0.72 -4.67 17.54
N ALA A 108 0.98 -3.85 16.51
CA ALA A 108 2.17 -2.95 16.49
C ALA A 108 2.18 -2.13 17.76
N ARG A 109 1.04 -1.52 18.12
CA ARG A 109 0.94 -0.72 19.38
C ARG A 109 1.20 -1.59 20.62
N GLN A 110 0.68 -2.83 20.68
CA GLN A 110 0.92 -3.75 21.81
C GLN A 110 2.42 -4.00 21.96
N CYS A 111 3.21 -3.87 20.88
CA CYS A 111 4.68 -4.11 20.88
C CYS A 111 5.48 -2.81 21.06
N GLY A 112 4.82 -1.70 21.38
CA GLY A 112 5.49 -0.43 21.72
C GLY A 112 5.84 0.37 20.48
N LEU A 113 5.34 0.01 19.30
CA LEU A 113 5.64 0.74 18.06
C LEU A 113 4.67 1.91 17.92
N SER A 114 5.13 2.98 17.30
CA SER A 114 4.24 4.12 16.95
C SER A 114 3.55 3.77 15.63
N VAL A 115 2.31 4.22 15.44
CA VAL A 115 1.59 3.97 14.15
C VAL A 115 1.09 5.31 13.61
N ASP A 116 0.93 5.39 12.30
CA ASP A 116 0.32 6.56 11.63
C ASP A 116 -1.06 6.11 11.14
N ASP A 117 -2.08 6.27 11.96
CA ASP A 117 -3.43 5.73 11.67
C ASP A 117 -3.96 6.32 10.34
N ASP A 118 -3.79 7.60 10.10
CA ASP A 118 -4.32 8.24 8.85
C ASP A 118 -3.65 7.60 7.62
N ALA A 119 -2.34 7.34 7.67
CA ALA A 119 -1.58 6.85 6.49
C ALA A 119 -1.75 5.35 6.29
N ALA A 120 -1.88 4.61 7.38
CA ALA A 120 -1.74 3.15 7.39
C ALA A 120 -2.81 2.48 6.53
N TYR A 121 -2.42 1.42 5.86
CA TYR A 121 -3.36 0.49 5.17
C TYR A 121 -4.41 0.03 6.17
N GLY B 9 -5.35 -9.39 -15.70
CA GLY B 9 -5.85 -7.99 -15.83
C GLY B 9 -5.36 -7.32 -17.12
N THR B 10 -6.21 -6.48 -17.70
CA THR B 10 -5.95 -5.65 -18.91
C THR B 10 -5.68 -4.22 -18.45
N LEU B 11 -4.91 -3.46 -19.23
CA LEU B 11 -4.81 -1.98 -19.05
C LEU B 11 -5.81 -1.31 -20.00
N ASP B 12 -6.90 -0.78 -19.48
CA ASP B 12 -7.82 0.05 -20.28
C ASP B 12 -7.31 1.48 -20.18
N LYS B 13 -6.58 1.93 -21.19
CA LYS B 13 -5.86 3.22 -21.08
C LYS B 13 -6.87 4.35 -20.97
N ALA B 14 -7.96 4.34 -21.74
CA ALA B 14 -9.00 5.40 -21.72
C ALA B 14 -9.56 5.51 -20.30
N ARG B 15 -9.92 4.38 -19.71
CA ARG B 15 -10.60 4.40 -18.39
C ARG B 15 -9.60 4.91 -17.36
N CYS B 16 -8.35 4.46 -17.47
CA CYS B 16 -7.28 4.85 -16.51
C CYS B 16 -6.96 6.34 -16.66
N LEU B 17 -6.91 6.88 -17.88
CA LEU B 17 -6.65 8.33 -18.07
C LEU B 17 -7.85 9.17 -17.58
N ALA B 18 -9.07 8.70 -17.77
CA ALA B 18 -10.27 9.37 -17.21
C ALA B 18 -10.11 9.52 -15.68
N PHE B 19 -9.68 8.45 -15.02
CA PHE B 19 -9.49 8.36 -13.55
C PHE B 19 -8.43 9.38 -13.11
N VAL B 20 -7.26 9.37 -13.73
CA VAL B 20 -6.17 10.35 -13.42
C VAL B 20 -6.69 11.76 -13.66
N HIS B 21 -7.46 11.95 -14.73
CA HIS B 21 -7.90 13.30 -15.13
C HIS B 21 -8.85 13.86 -14.06
N GLN B 22 -9.79 13.04 -13.57
CA GLN B 22 -10.78 13.40 -12.54
C GLN B 22 -10.00 13.76 -11.25
N LEU B 23 -9.01 12.97 -10.88
CA LEU B 23 -8.14 13.22 -9.70
C LEU B 23 -7.35 14.53 -9.91
N TRP B 24 -6.82 14.74 -11.11
CA TRP B 24 -6.09 15.98 -11.44
C TRP B 24 -6.99 17.20 -11.19
N ASP B 25 -8.22 17.16 -11.65
CA ASP B 25 -9.19 18.29 -11.53
C ASP B 25 -9.62 18.45 -10.07
N LYS B 26 -9.65 17.39 -9.27
CA LYS B 26 -10.06 17.48 -7.85
C LYS B 26 -8.90 17.94 -6.97
N ASP B 27 -7.68 17.97 -7.49
CA ASP B 27 -6.45 18.32 -6.74
C ASP B 27 -6.34 19.85 -6.73
N LYS B 28 -7.06 20.48 -5.80
CA LYS B 28 -7.20 21.97 -5.75
C LYS B 28 -5.82 22.58 -5.44
N LEU B 29 -5.01 21.96 -4.59
CA LEU B 29 -3.65 22.48 -4.27
C LEU B 29 -2.68 22.25 -5.45
N LYS B 30 -3.02 21.43 -6.44
CA LYS B 30 -2.08 20.96 -7.50
C LYS B 30 -0.87 20.25 -6.86
N MET B 31 -1.06 19.63 -5.70
CA MET B 31 0.05 19.00 -4.95
C MET B 31 0.46 17.66 -5.58
N PHE B 32 -0.44 17.00 -6.32
CA PHE B 32 -0.18 15.70 -6.99
C PHE B 32 0.13 15.84 -8.49
N HIS B 33 0.22 17.06 -9.05
CA HIS B 33 0.34 17.29 -10.52
C HIS B 33 1.71 16.84 -11.04
N HIS B 34 2.79 17.09 -10.29
CA HIS B 34 4.19 16.87 -10.74
C HIS B 34 4.99 16.20 -9.64
N PRO B 35 6.11 15.53 -10.00
CA PRO B 35 7.01 14.94 -9.03
C PRO B 35 7.56 16.01 -8.07
N ILE B 36 7.84 15.58 -6.85
CA ILE B 36 8.46 16.42 -5.79
C ILE B 36 9.96 16.44 -6.07
N SER B 37 10.54 17.62 -6.18
CA SER B 37 12.00 17.77 -6.28
C SER B 37 12.57 18.02 -4.88
N ALA B 38 13.84 17.65 -4.68
CA ALA B 38 14.66 18.06 -3.52
C ALA B 38 14.59 19.58 -3.35
N ALA B 39 14.62 20.33 -4.45
CA ALA B 39 14.50 21.81 -4.47
C ALA B 39 13.26 22.22 -3.68
N GLU B 40 12.14 21.55 -3.91
CA GLU B 40 10.84 21.86 -3.25
C GLU B 40 10.93 21.47 -1.76
N LEU B 41 11.27 20.22 -1.46
CA LEU B 41 11.25 19.62 -0.09
C LEU B 41 12.52 18.80 0.08
N PRO B 42 13.59 19.41 0.63
CA PRO B 42 14.91 18.78 0.70
C PRO B 42 14.94 17.41 1.37
N ASP B 43 14.04 17.13 2.31
CA ASP B 43 14.07 15.88 3.13
C ASP B 43 13.09 14.81 2.60
N TYR B 44 12.40 15.08 1.50
CA TYR B 44 11.27 14.23 1.05
C TYR B 44 11.80 12.84 0.67
N HIS B 45 12.91 12.82 -0.08
CA HIS B 45 13.57 11.56 -0.54
C HIS B 45 13.92 10.69 0.66
N LYS B 46 14.20 11.29 1.81
CA LYS B 46 14.61 10.61 3.07
C LYS B 46 13.40 9.87 3.64
N VAL B 47 12.20 10.43 3.47
CA VAL B 47 10.96 9.90 4.11
C VAL B 47 10.27 8.92 3.15
N ILE B 48 10.21 9.26 1.87
CA ILE B 48 9.34 8.57 0.88
C ILE B 48 10.21 7.73 -0.05
N ASN B 49 10.08 6.40 0.00
CA ASN B 49 10.88 5.44 -0.81
C ASN B 49 10.31 5.31 -2.23
N TYR B 50 9.01 5.49 -2.42
CA TYR B 50 8.31 5.25 -3.70
C TYR B 50 7.50 6.47 -4.12
N PRO B 51 8.18 7.55 -4.58
CA PRO B 51 7.52 8.78 -4.96
C PRO B 51 6.67 8.46 -6.18
N VAL B 52 5.53 9.13 -6.33
CA VAL B 52 4.74 9.02 -7.58
C VAL B 52 3.76 10.19 -7.61
N ASP B 53 3.38 10.59 -8.81
CA ASP B 53 2.50 11.76 -9.05
C ASP B 53 1.63 11.46 -10.26
N LEU B 54 0.64 12.29 -10.46
CA LEU B 54 -0.37 12.09 -11.53
C LEU B 54 0.26 12.24 -12.93
N SER B 55 1.22 13.13 -13.15
CA SER B 55 1.86 13.29 -14.49
C SER B 55 2.60 11.98 -14.84
N THR B 56 3.36 11.45 -13.90
CA THR B 56 4.11 10.18 -13.98
C THR B 56 3.14 9.03 -14.19
N ILE B 57 2.02 9.00 -13.47
CA ILE B 57 0.99 7.94 -13.71
C ILE B 57 0.42 8.07 -15.13
N ARG B 58 0.02 9.26 -15.59
CA ARG B 58 -0.47 9.47 -16.99
C ARG B 58 0.55 8.94 -18.03
N GLN B 59 1.83 9.22 -17.83
CA GLN B 59 2.90 8.73 -18.74
C GLN B 59 2.97 7.20 -18.71
N GLY B 60 2.87 6.59 -17.52
CA GLY B 60 2.91 5.14 -17.33
C GLY B 60 1.74 4.45 -18.03
N ILE B 61 0.58 5.12 -18.07
CA ILE B 61 -0.63 4.62 -18.75
C ILE B 61 -0.38 4.71 -20.27
N GLU B 62 0.01 5.89 -20.74
CA GLU B 62 0.09 6.24 -22.18
C GLU B 62 1.16 5.40 -22.87
N SER B 63 2.15 4.93 -22.12
CA SER B 63 3.33 4.17 -22.57
C SER B 63 3.09 2.66 -22.42
N GLY B 64 2.11 2.26 -21.60
CA GLY B 64 1.77 0.85 -21.36
C GLY B 64 2.63 0.23 -20.28
N LYS B 65 3.34 1.05 -19.47
CA LYS B 65 4.18 0.60 -18.33
C LYS B 65 3.34 -0.22 -17.33
N TYR B 66 2.14 0.24 -16.99
CA TYR B 66 1.25 -0.50 -16.06
C TYR B 66 0.66 -1.72 -16.78
N ASP B 67 0.65 -2.89 -16.14
CA ASP B 67 0.15 -4.15 -16.77
C ASP B 67 -1.39 -4.17 -16.73
N SER B 68 -1.99 -3.58 -15.68
CA SER B 68 -3.45 -3.64 -15.39
C SER B 68 -4.00 -2.32 -14.81
N ASP B 69 -5.32 -2.14 -14.87
CA ASP B 69 -6.06 -1.06 -14.15
C ASP B 69 -5.74 -1.09 -12.65
N ALA B 70 -5.68 -2.28 -12.06
CA ALA B 70 -5.29 -2.49 -10.65
C ALA B 70 -3.93 -1.83 -10.34
N ASP B 71 -2.94 -1.97 -11.21
CA ASP B 71 -1.61 -1.32 -11.00
C ASP B 71 -1.74 0.21 -11.00
N VAL B 72 -2.56 0.77 -11.88
CA VAL B 72 -2.83 2.24 -11.91
C VAL B 72 -3.51 2.63 -10.58
N GLN B 73 -4.52 1.89 -10.13
CA GLN B 73 -5.17 2.17 -8.81
C GLN B 73 -4.15 2.10 -7.67
N ASN B 74 -3.24 1.14 -7.72
CA ASN B 74 -2.23 0.96 -6.65
C ASN B 74 -1.25 2.13 -6.69
N ALA B 75 -0.95 2.66 -7.87
CA ALA B 75 -0.06 3.82 -8.03
C ALA B 75 -0.71 5.05 -7.40
N VAL B 76 -2.02 5.21 -7.58
CA VAL B 76 -2.75 6.35 -6.98
C VAL B 76 -2.77 6.17 -5.46
N ALA B 77 -3.07 4.95 -4.98
CA ALA B 77 -3.05 4.68 -3.53
C ALA B 77 -1.69 5.07 -2.98
N GLN B 78 -0.62 4.66 -3.65
CA GLN B 78 0.76 4.94 -3.16
C GLN B 78 0.96 6.45 -3.05
N MET B 79 0.54 7.19 -4.06
CA MET B 79 0.67 8.66 -4.14
C MET B 79 -0.03 9.26 -2.92
N ILE B 80 -1.23 8.76 -2.60
CA ILE B 80 -2.03 9.31 -1.46
C ILE B 80 -1.35 8.95 -0.13
N ALA B 81 -0.92 7.70 0.05
CA ALA B 81 -0.23 7.21 1.26
C ALA B 81 1.00 8.07 1.49
N ASN B 82 1.73 8.37 0.42
CA ASN B 82 2.97 9.18 0.50
C ASN B 82 2.67 10.52 1.21
N ALA B 83 1.62 11.23 0.79
CA ALA B 83 1.27 12.56 1.31
C ALA B 83 0.75 12.44 2.75
N LEU B 84 0.03 11.36 3.10
CA LEU B 84 -0.42 11.17 4.49
C LEU B 84 0.79 10.89 5.40
N GLU B 85 1.79 10.16 4.91
CA GLU B 85 2.98 9.81 5.71
C GLU B 85 3.86 11.05 5.91
N TYR B 86 4.10 11.77 4.84
CA TYR B 86 5.06 12.89 4.82
C TYR B 86 4.52 14.07 5.63
N ASN B 87 3.24 14.38 5.50
CA ASN B 87 2.66 15.65 5.99
C ASN B 87 2.08 15.46 7.38
N ALA B 88 2.29 16.41 8.28
CA ALA B 88 1.71 16.39 9.65
C ALA B 88 0.19 16.52 9.56
N LYS B 89 -0.52 15.83 10.45
CA LYS B 89 -1.99 15.98 10.64
C LYS B 89 -2.32 17.47 10.70
N GLY B 90 -3.36 17.91 10.00
CA GLY B 90 -3.88 19.28 10.13
C GLY B 90 -3.31 20.22 9.09
N THR B 91 -2.21 19.91 8.43
CA THR B 91 -1.76 20.78 7.31
C THR B 91 -2.67 20.55 6.11
N GLU B 92 -2.80 21.56 5.26
CA GLU B 92 -3.70 21.45 4.08
C GLU B 92 -3.28 20.28 3.16
N TRP B 93 -1.99 19.97 3.08
CA TRP B 93 -1.49 18.84 2.24
C TRP B 93 -1.98 17.52 2.84
N HIS B 94 -1.89 17.36 4.15
CA HIS B 94 -2.39 16.15 4.85
C HIS B 94 -3.90 16.04 4.65
N GLN B 95 -4.61 17.16 4.80
CA GLN B 95 -6.09 17.14 4.76
C GLN B 95 -6.54 16.82 3.32
N GLN B 96 -5.93 17.40 2.30
CA GLN B 96 -6.38 17.04 0.92
C GLN B 96 -6.04 15.56 0.65
N ALA B 97 -4.92 15.08 1.15
CA ALA B 97 -4.53 13.66 0.99
C ALA B 97 -5.59 12.78 1.67
N LEU B 98 -6.07 13.14 2.86
CA LEU B 98 -7.13 12.36 3.56
C LEU B 98 -8.40 12.33 2.70
N SER B 99 -8.78 13.47 2.13
CA SER B 99 -9.96 13.61 1.26
C SER B 99 -9.77 12.68 0.06
N PHE B 100 -8.58 12.70 -0.56
CA PHE B 100 -8.29 11.81 -1.71
C PHE B 100 -8.45 10.35 -1.29
N ARG B 101 -7.93 9.99 -0.12
CA ARG B 101 -8.04 8.58 0.33
C ARG B 101 -9.51 8.19 0.40
N SER B 102 -10.36 9.12 0.87
CA SER B 102 -11.82 8.93 1.07
C SER B 102 -12.54 8.71 -0.27
N ILE B 103 -12.10 9.37 -1.35
CA ILE B 103 -12.89 9.42 -2.62
C ILE B 103 -12.25 8.61 -3.73
N TYR B 104 -10.96 8.29 -3.68
CA TYR B 104 -10.28 7.83 -4.92
C TYR B 104 -10.93 6.55 -5.45
N LEU B 105 -11.41 5.64 -4.61
CA LEU B 105 -11.97 4.34 -5.11
C LEU B 105 -13.34 4.62 -5.75
N ASP B 106 -14.08 5.58 -5.22
CA ASP B 106 -15.34 6.03 -5.87
C ASP B 106 -15.02 6.62 -7.24
N VAL B 107 -14.00 7.47 -7.34
CA VAL B 107 -13.58 8.01 -8.66
C VAL B 107 -13.21 6.86 -9.61
N ALA B 108 -12.47 5.86 -9.14
CA ALA B 108 -12.10 4.68 -9.96
C ALA B 108 -13.38 3.99 -10.48
N ARG B 109 -14.34 3.74 -9.59
CA ARG B 109 -15.62 3.07 -9.94
C ARG B 109 -16.35 3.90 -10.99
N GLN B 110 -16.37 5.22 -10.79
CA GLN B 110 -17.08 6.21 -11.64
C GLN B 110 -16.43 6.27 -13.03
N CYS B 111 -15.23 5.71 -13.20
CA CYS B 111 -14.51 5.66 -14.49
C CYS B 111 -14.66 4.28 -15.14
N GLY B 112 -15.43 3.37 -14.53
CA GLY B 112 -15.64 2.00 -14.99
C GLY B 112 -14.51 1.06 -14.58
N LEU B 113 -13.66 1.42 -13.63
CA LEU B 113 -12.59 0.49 -13.17
C LEU B 113 -13.22 -0.47 -12.14
N SER B 114 -12.79 -1.73 -12.12
CA SER B 114 -13.16 -2.70 -11.06
C SER B 114 -12.40 -2.35 -9.78
N VAL B 115 -13.07 -2.34 -8.64
CA VAL B 115 -12.43 -2.07 -7.32
C VAL B 115 -12.62 -3.31 -6.45
N ASP B 116 -11.56 -3.76 -5.80
CA ASP B 116 -11.61 -4.82 -4.76
C ASP B 116 -11.80 -4.09 -3.43
N ASP B 117 -13.03 -4.01 -2.94
N ASP B 117 -13.05 -3.97 -2.99
CA ASP B 117 -13.42 -3.17 -1.76
CA ASP B 117 -13.44 -3.22 -1.79
C ASP B 117 -12.70 -3.67 -0.49
C ASP B 117 -12.54 -3.67 -0.63
N ASP B 118 -12.52 -4.98 -0.33
CA ASP B 118 -11.84 -5.52 0.88
C ASP B 118 -10.33 -5.24 0.85
N ALA B 119 -9.71 -5.30 -0.32
CA ALA B 119 -8.24 -5.26 -0.51
C ALA B 119 -7.73 -3.82 -0.64
N ALA B 120 -8.58 -2.89 -1.09
CA ALA B 120 -8.10 -1.55 -1.55
C ALA B 120 -7.62 -0.75 -0.33
N TYR B 121 -6.55 0.02 -0.55
CA TYR B 121 -6.01 0.99 0.43
C TYR B 121 -7.12 1.97 0.81
S SO4 C . -13.59 -11.40 -4.70
O1 SO4 C . -12.82 -11.21 -5.90
O2 SO4 C . -14.47 -12.52 -4.89
O3 SO4 C . -12.71 -11.66 -3.59
O4 SO4 C . -14.35 -10.20 -4.42
S SO4 D . 5.50 -23.23 10.14
O1 SO4 D . 6.94 -23.33 10.23
O2 SO4 D . 5.16 -22.20 9.18
O3 SO4 D . 4.96 -22.87 11.44
O4 SO4 D . 4.95 -24.48 9.71
UNK UNX E . -18.96 -14.31 0.27
UNK UNX F . 13.37 -1.76 19.38
C10 BMF G . 3.00 20.79 -3.25
N12 BMF G . 3.10 18.51 -2.59
C15 BMF G . 3.70 19.13 0.13
C17 BMF G . 4.40 20.58 1.96
C20 BMF G . 4.93 21.69 5.33
C22 BMF G . 3.53 20.13 -0.85
C26 BMF G . 2.86 15.55 -2.99
C28 BMF G . 3.27 21.63 -5.50
C01 BMF G . 2.11 23.69 -6.35
C02 BMF G . 2.40 22.69 -5.27
C03 BMF G . 1.83 22.78 -3.99
N04 BMF G . 0.89 23.82 -3.74
S05 BMF G . 0.83 24.86 -2.47
C06 BMF G . 2.48 25.36 -2.15
O07 BMF G . 0.08 25.97 -2.91
O08 BMF G . 0.34 24.12 -1.36
C09 BMF G . 2.11 21.83 -3.01
C11 BMF G . 3.24 19.79 -2.19
N13 BMF G . 3.25 17.59 -1.57
C14 BMF G . 3.54 17.82 -0.28
N16 BMF G . 3.99 19.39 1.47
O18 BMF G . 4.52 20.49 3.29
C19 BMF G . 5.20 21.64 3.87
O21 BMF G . 4.61 21.58 1.29
N23 BMF G . 3.58 16.67 0.39
N24 BMF G . 3.33 15.67 -0.56
C25 BMF G . 3.14 16.23 -1.72
C27 BMF G . 3.56 20.69 -4.52
S SO4 H . -0.08 22.54 -13.28
O1 SO4 H . 0.75 22.05 -14.36
O2 SO4 H . 0.39 23.83 -12.84
O3 SO4 H . -0.03 21.63 -12.18
O4 SO4 H . -1.45 22.68 -13.73
S SO4 I . 4.89 13.69 -21.88
O1 SO4 I . 5.82 13.92 -22.94
O2 SO4 I . 5.16 12.41 -21.29
O3 SO4 I . 3.55 13.69 -22.38
O4 SO4 I . 5.00 14.72 -20.89
UNK UNX J . 4.34 19.50 -7.75
UNK UNX K . -4.27 13.79 -16.50
UNK UNX L . -14.48 7.82 4.79
#